data_4JQU
#
_entry.id   4JQU
#
_cell.length_a   46.810
_cell.length_b   48.463
_cell.length_c   95.734
_cell.angle_alpha   90.000
_cell.angle_beta   90.000
_cell.angle_gamma   90.000
#
_symmetry.space_group_name_H-M   'P 21 21 21'
#
loop_
_entity.id
_entity.type
_entity.pdbx_description
1 polymer 'Ubiquitin-conjugating enzyme E2 7'
2 polymer 'Coupling of ubiquitin conjugation to ER degradation protein 1'
3 non-polymer 2-[BIS-(2-HYDROXY-ETHYL)-AMINO]-2-HYDROXYMETHYL-PROPANE-1,3-DIOL
4 non-polymer DI(HYDROXYETHYL)ETHER
5 water water
#
loop_
_entity_poly.entity_id
_entity_poly.type
_entity_poly.pdbx_seq_one_letter_code
_entity_poly.pdbx_strand_id
1 'polypeptide(L)'
;GSAAASKTAQKRLLKELQQLIKDSPPGIVAGPKSENNIFIWDCLIQGPPDTPYADGVFNAKLEFPKDYPLSPPKLTFTPS
ILHPNIYPNGEVCISILHSPGDDPNMYELAEERWSPVQSVEKILLSVMSMLSEPNIESGANIDACILWRDNRPEFERQVK
LSILKSLGF
;
A
2 'polypeptide(L)' MLLDKFHVDLNEDMSNLSFKDLDIEERKRLLVWQARKNLETKLQSDKDLQSLLT B
#
# COMPACT_ATOMS: atom_id res chain seq x y z
N GLY A 1 -3.76 -1.04 -27.44
CA GLY A 1 -4.11 -0.48 -28.73
C GLY A 1 -3.04 -0.70 -29.79
N SER A 2 -2.37 0.38 -30.18
CA SER A 2 -1.37 0.32 -31.24
C SER A 2 -0.01 -0.11 -30.72
N ALA A 3 0.82 -0.63 -31.61
CA ALA A 3 2.17 -1.04 -31.27
C ALA A 3 2.96 0.17 -30.76
N ALA A 4 2.70 1.34 -31.34
CA ALA A 4 3.40 2.55 -30.95
C ALA A 4 3.05 2.92 -29.51
N ALA A 5 1.75 2.86 -29.19
CA ALA A 5 1.27 3.17 -27.85
C ALA A 5 1.94 2.27 -26.81
N SER A 6 2.10 1.00 -27.14
CA SER A 6 2.73 0.04 -26.23
C SER A 6 4.19 0.38 -25.99
N LYS A 7 4.87 0.76 -27.07
CA LYS A 7 6.27 1.18 -27.03
C LYS A 7 6.44 2.39 -26.12
N THR A 8 5.58 3.38 -26.31
CA THR A 8 5.60 4.61 -25.51
C THR A 8 5.33 4.34 -24.03
N ALA A 9 4.40 3.43 -23.76
CA ALA A 9 4.08 3.08 -22.39
C ALA A 9 5.30 2.47 -21.68
N GLN A 10 5.98 1.55 -22.35
CA GLN A 10 7.15 0.91 -21.75
C GLN A 10 8.27 1.91 -21.51
N LYS A 11 8.48 2.80 -22.47
CA LYS A 11 9.50 3.85 -22.30
C LYS A 11 9.15 4.75 -21.12
N ARG A 12 7.88 5.14 -21.03
CA ARG A 12 7.42 5.99 -19.95
C ARG A 12 7.54 5.29 -18.61
N LEU A 13 7.18 4.01 -18.56
CA LEU A 13 7.23 3.27 -17.30
C LEU A 13 8.66 3.08 -16.81
N LEU A 14 9.61 2.96 -17.73
CA LEU A 14 11.02 2.92 -17.32
C LEU A 14 11.41 4.22 -16.64
N LYS A 15 11.01 5.35 -17.21
CA LYS A 15 11.29 6.65 -16.61
C LYS A 15 10.60 6.84 -15.24
N GLU A 16 9.37 6.35 -15.13
CA GLU A 16 8.63 6.39 -13.87
C GLU A 16 9.39 5.63 -12.78
N LEU A 17 9.87 4.44 -13.13
CA LEU A 17 10.64 3.63 -12.20
C LEU A 17 11.92 4.34 -11.76
N GLN A 18 12.66 4.87 -12.71
CA GLN A 18 13.88 5.62 -12.41
C GLN A 18 13.61 6.76 -11.45
N GLN A 19 12.56 7.53 -11.72
CA GLN A 19 12.23 8.66 -10.85
C GLN A 19 11.88 8.21 -9.43
N LEU A 20 11.07 7.16 -9.33
CA LEU A 20 10.63 6.68 -8.02
C LEU A 20 11.82 6.22 -7.18
N ILE A 21 12.72 5.47 -7.79
CA ILE A 21 13.91 4.97 -7.10
C ILE A 21 14.81 6.13 -6.69
N LYS A 22 15.00 7.07 -7.61
CA LYS A 22 15.80 8.26 -7.34
C LYS A 22 15.26 9.04 -6.15
N ASP A 23 13.95 9.29 -6.14
CA ASP A 23 13.32 10.09 -5.10
C ASP A 23 13.20 9.35 -3.77
N SER A 24 13.05 8.04 -3.85
CA SER A 24 13.05 7.18 -2.66
C SER A 24 12.15 7.68 -1.54
N PRO A 25 10.85 7.86 -1.81
CA PRO A 25 9.91 8.28 -0.77
C PRO A 25 9.85 7.26 0.36
N PRO A 26 9.86 7.73 1.61
N PRO A 26 9.90 7.72 1.62
CA PRO A 26 9.81 6.87 2.79
CA PRO A 26 9.86 6.84 2.79
C PRO A 26 8.55 6.02 2.82
C PRO A 26 8.57 6.03 2.86
N GLY A 27 8.67 4.77 3.27
CA GLY A 27 7.50 3.91 3.48
C GLY A 27 6.93 3.24 2.24
N ILE A 28 7.59 3.44 1.11
CA ILE A 28 7.14 2.91 -0.16
C ILE A 28 8.21 2.03 -0.82
N VAL A 29 7.86 0.79 -1.15
CA VAL A 29 8.73 -0.06 -1.95
C VAL A 29 7.92 -0.62 -3.11
N ALA A 30 8.28 -0.24 -4.33
CA ALA A 30 7.50 -0.63 -5.49
C ALA A 30 8.37 -0.76 -6.73
N GLY A 31 8.04 -1.74 -7.57
CA GLY A 31 8.72 -1.92 -8.83
C GLY A 31 8.06 -3.05 -9.59
N PRO A 32 8.47 -3.23 -10.86
CA PRO A 32 7.92 -4.31 -11.69
C PRO A 32 8.04 -5.65 -10.98
N LYS A 33 6.95 -6.43 -11.04
CA LYS A 33 6.89 -7.70 -10.35
C LYS A 33 7.85 -8.70 -10.98
N SER A 34 8.01 -8.62 -12.30
CA SER A 34 8.97 -9.48 -13.00
C SER A 34 9.76 -8.67 -14.02
N GLU A 35 10.95 -9.16 -14.37
CA GLU A 35 11.85 -8.44 -15.27
C GLU A 35 11.37 -8.36 -16.72
N ASN A 36 10.42 -9.21 -17.09
CA ASN A 36 9.97 -9.25 -18.48
C ASN A 36 8.59 -8.63 -18.70
N ASN A 37 8.06 -7.96 -17.68
CA ASN A 37 6.77 -7.29 -17.84
C ASN A 37 6.69 -6.04 -16.97
N ILE A 38 6.98 -4.89 -17.57
CA ILE A 38 6.99 -3.64 -16.82
C ILE A 38 5.58 -3.11 -16.52
N PHE A 39 4.54 -3.80 -17.02
CA PHE A 39 3.17 -3.33 -16.87
C PHE A 39 2.50 -3.80 -15.58
N ILE A 40 3.18 -4.64 -14.80
CA ILE A 40 2.61 -5.09 -13.55
C ILE A 40 3.63 -4.89 -12.43
N TRP A 41 3.28 -4.07 -11.44
CA TRP A 41 4.21 -3.74 -10.36
C TRP A 41 3.69 -4.32 -9.06
N ASP A 42 4.61 -4.75 -8.21
CA ASP A 42 4.28 -5.18 -6.86
C ASP A 42 4.71 -4.11 -5.89
N CYS A 43 3.83 -3.73 -4.97
CA CYS A 43 4.10 -2.66 -4.04
C CYS A 43 3.93 -3.09 -2.59
N LEU A 44 4.78 -2.56 -1.73
N LEU A 44 4.82 -2.61 -1.73
CA LEU A 44 4.60 -2.74 -0.29
CA LEU A 44 4.61 -2.72 -0.30
C LEU A 44 4.71 -1.38 0.38
C LEU A 44 4.64 -1.31 0.26
N ILE A 45 3.68 -0.99 1.12
CA ILE A 45 3.64 0.34 1.71
C ILE A 45 3.47 0.27 3.22
N GLN A 46 4.22 1.12 3.89
CA GLN A 46 4.18 1.20 5.35
C GLN A 46 3.01 2.10 5.73
N GLY A 47 2.19 1.65 6.68
CA GLY A 47 1.06 2.46 7.10
C GLY A 47 1.56 3.77 7.69
N PRO A 48 0.88 4.87 7.40
CA PRO A 48 1.33 6.17 7.89
C PRO A 48 1.26 6.31 9.41
N PRO A 49 2.18 7.10 9.98
CA PRO A 49 2.24 7.29 11.43
C PRO A 49 0.99 7.99 11.93
N ASP A 50 0.65 7.77 13.20
CA ASP A 50 -0.49 8.41 13.83
C ASP A 50 -1.82 8.12 13.12
N THR A 51 -1.95 6.89 12.60
CA THR A 51 -3.19 6.38 12.03
C THR A 51 -3.33 4.97 12.55
N PRO A 52 -4.52 4.35 12.39
CA PRO A 52 -4.71 2.94 12.77
C PRO A 52 -3.82 2.01 11.95
N TYR A 53 -3.31 2.50 10.82
CA TYR A 53 -2.49 1.68 9.93
C TYR A 53 -1.00 1.67 10.28
N ALA A 54 -0.61 2.46 11.27
CA ALA A 54 0.80 2.75 11.57
C ALA A 54 1.73 1.52 11.72
N ASP A 55 1.24 0.50 12.39
CA ASP A 55 2.08 -0.66 12.69
C ASP A 55 2.06 -1.68 11.57
N GLY A 56 1.32 -1.39 10.51
CA GLY A 56 1.18 -2.34 9.44
C GLY A 56 2.02 -2.07 8.20
N VAL A 57 2.20 -3.11 7.38
N VAL A 57 2.12 -3.13 7.38
CA VAL A 57 2.67 -2.94 6.02
CA VAL A 57 2.72 -3.09 6.05
C VAL A 57 1.70 -3.66 5.10
C VAL A 57 1.66 -3.68 5.11
N PHE A 58 1.51 -3.11 3.91
CA PHE A 58 0.40 -3.50 3.05
C PHE A 58 0.83 -3.76 1.62
N ASN A 59 0.48 -4.96 1.12
CA ASN A 59 0.88 -5.36 -0.23
C ASN A 59 -0.19 -4.92 -1.23
N ALA A 60 0.24 -4.42 -2.38
CA ALA A 60 -0.71 -4.06 -3.43
C ALA A 60 -0.16 -4.36 -4.82
N LYS A 61 -1.08 -4.61 -5.74
CA LYS A 61 -0.72 -4.86 -7.14
C LYS A 61 -1.10 -3.63 -7.96
N LEU A 62 -0.15 -3.13 -8.74
CA LEU A 62 -0.34 -1.94 -9.56
C LEU A 62 -0.27 -2.38 -11.03
N GLU A 63 -1.39 -2.31 -11.74
CA GLU A 63 -1.47 -2.80 -13.11
C GLU A 63 -1.69 -1.66 -14.11
N PHE A 64 -0.76 -1.52 -15.05
CA PHE A 64 -0.79 -0.45 -16.04
C PHE A 64 -1.42 -0.91 -17.36
N PRO A 65 -2.29 -0.08 -17.96
N PRO A 65 -2.32 -0.10 -17.93
CA PRO A 65 -2.93 -0.39 -19.23
CA PRO A 65 -2.95 -0.39 -19.23
C PRO A 65 -1.95 -0.23 -20.38
C PRO A 65 -1.94 -0.26 -20.36
N LYS A 66 -2.26 -0.86 -21.52
CA LYS A 66 -1.33 -0.84 -22.64
C LYS A 66 -1.19 0.51 -23.31
N ASP A 67 -2.10 1.43 -22.98
CA ASP A 67 -2.01 2.79 -23.52
C ASP A 67 -1.66 3.82 -22.46
N TYR A 68 -1.04 3.36 -21.37
CA TYR A 68 -0.50 4.27 -20.36
C TYR A 68 0.45 5.24 -21.07
N PRO A 69 0.41 6.54 -20.72
CA PRO A 69 -0.32 7.20 -19.62
C PRO A 69 -1.66 7.83 -19.99
N LEU A 70 -2.31 7.41 -21.07
CA LEU A 70 -3.62 7.95 -21.42
C LEU A 70 -4.75 7.30 -20.63
N SER A 71 -4.40 6.25 -19.89
CA SER A 71 -5.32 5.63 -18.94
C SER A 71 -4.58 5.38 -17.64
N PRO A 72 -5.28 5.50 -16.50
CA PRO A 72 -4.61 5.28 -15.22
C PRO A 72 -4.40 3.80 -14.91
N PRO A 73 -3.42 3.48 -14.05
CA PRO A 73 -3.30 2.09 -13.63
C PRO A 73 -4.41 1.77 -12.65
N LYS A 74 -4.61 0.48 -12.40
CA LYS A 74 -5.49 0.02 -11.35
C LYS A 74 -4.60 -0.38 -10.17
N LEU A 75 -4.98 -0.01 -8.96
CA LEU A 75 -4.24 -0.39 -7.78
C LEU A 75 -5.15 -1.20 -6.86
N THR A 76 -4.71 -2.40 -6.49
CA THR A 76 -5.52 -3.29 -5.66
C THR A 76 -4.71 -3.79 -4.47
N PHE A 77 -5.19 -3.51 -3.26
CA PHE A 77 -4.58 -4.05 -2.07
C PHE A 77 -4.92 -5.53 -1.99
N THR A 78 -3.88 -6.34 -1.75
CA THR A 78 -4.00 -7.80 -1.70
C THR A 78 -3.26 -8.32 -0.48
N PRO A 79 -3.99 -8.70 0.58
CA PRO A 79 -5.46 -8.75 0.64
C PRO A 79 -6.08 -7.37 0.84
N SER A 80 -7.39 -7.27 0.72
CA SER A 80 -8.06 -5.99 0.91
C SER A 80 -7.88 -5.52 2.35
N ILE A 81 -7.89 -4.19 2.51
N ILE A 81 -7.94 -4.20 2.54
CA ILE A 81 -7.79 -3.57 3.82
CA ILE A 81 -7.89 -3.67 3.90
C ILE A 81 -9.06 -2.78 4.04
C ILE A 81 -9.01 -2.65 4.11
N LEU A 82 -9.43 -2.58 5.30
N LEU A 82 -9.47 -2.57 5.36
CA LEU A 82 -10.58 -1.75 5.62
CA LEU A 82 -10.62 -1.74 5.70
C LEU A 82 -10.21 -0.27 5.54
C LEU A 82 -10.29 -0.24 5.63
N HIS A 83 -10.94 0.47 4.70
CA HIS A 83 -10.71 1.89 4.54
C HIS A 83 -11.86 2.50 3.71
N PRO A 84 -12.34 3.68 4.10
CA PRO A 84 -13.47 4.29 3.38
C PRO A 84 -13.27 4.41 1.86
N ASN A 85 -12.03 4.59 1.42
CA ASN A 85 -11.77 4.85 0.01
C ASN A 85 -11.20 3.65 -0.75
N ILE A 86 -11.32 2.47 -0.14
CA ILE A 86 -10.93 1.23 -0.80
C ILE A 86 -12.15 0.33 -0.92
N TYR A 87 -12.46 -0.08 -2.15
CA TYR A 87 -13.57 -1.01 -2.36
C TYR A 87 -13.36 -2.27 -1.51
N PRO A 88 -14.47 -2.89 -1.11
CA PRO A 88 -14.36 -4.14 -0.36
C PRO A 88 -13.39 -5.14 -1.01
N ASN A 89 -13.35 -5.19 -2.34
CA ASN A 89 -12.46 -6.11 -3.03
C ASN A 89 -10.97 -5.69 -3.12
N GLY A 90 -10.62 -4.54 -2.54
CA GLY A 90 -9.22 -4.13 -2.51
C GLY A 90 -8.88 -3.02 -3.47
N GLU A 91 -9.72 -2.78 -4.47
CA GLU A 91 -9.44 -1.73 -5.45
C GLU A 91 -9.50 -0.34 -4.83
N VAL A 92 -8.45 0.45 -5.07
CA VAL A 92 -8.36 1.79 -4.50
C VAL A 92 -9.15 2.79 -5.34
N CYS A 93 -9.96 3.60 -4.67
CA CYS A 93 -10.84 4.55 -5.33
C CYS A 93 -10.53 5.98 -4.88
N ILE A 94 -9.56 6.60 -5.55
CA ILE A 94 -9.20 7.99 -5.30
C ILE A 94 -9.14 8.73 -6.62
N SER A 95 -9.26 10.05 -6.55
N SER A 95 -9.26 10.06 -6.55
CA SER A 95 -9.37 10.88 -7.76
CA SER A 95 -9.38 10.88 -7.75
C SER A 95 -8.25 10.63 -8.77
C SER A 95 -8.25 10.67 -8.77
N ILE A 96 -7.03 10.55 -8.28
CA ILE A 96 -5.87 10.46 -9.19
C ILE A 96 -5.91 9.17 -10.02
N LEU A 97 -6.65 8.17 -9.56
CA LEU A 97 -6.78 6.91 -10.31
C LEU A 97 -8.02 6.85 -11.22
N HIS A 98 -8.70 7.97 -11.43
CA HIS A 98 -9.85 7.96 -12.33
C HIS A 98 -9.74 8.98 -13.46
N SER A 99 -10.24 8.61 -14.63
CA SER A 99 -10.36 9.54 -15.75
C SER A 99 -11.65 10.35 -15.60
N PRO A 100 -11.63 11.63 -16.04
CA PRO A 100 -12.86 12.42 -16.13
C PRO A 100 -13.83 11.85 -17.17
N TYR A 107 -18.36 11.65 -10.25
CA TYR A 107 -18.31 11.56 -8.80
C TYR A 107 -16.87 11.74 -8.28
N GLU A 108 -16.64 12.85 -7.59
CA GLU A 108 -17.63 13.91 -7.52
C GLU A 108 -16.97 15.23 -7.87
N LEU A 109 -16.27 15.24 -9.00
CA LEU A 109 -15.73 16.47 -9.56
C LEU A 109 -14.63 17.08 -8.67
N ALA A 110 -14.37 18.36 -8.86
CA ALA A 110 -13.12 18.95 -8.40
C ALA A 110 -12.01 18.13 -9.05
N GLU A 111 -10.85 18.05 -8.40
CA GLU A 111 -9.74 17.29 -8.94
C GLU A 111 -8.76 16.91 -7.81
N GLU A 112 -7.56 16.39 -8.10
CA GLU A 112 -7.06 16.18 -9.45
C GLU A 112 -7.25 14.75 -9.93
N ARG A 113 -7.86 14.61 -11.10
CA ARG A 113 -8.07 13.30 -11.70
C ARG A 113 -6.84 12.88 -12.50
N TRP A 114 -6.87 11.66 -13.04
CA TRP A 114 -5.74 11.18 -13.83
C TRP A 114 -5.51 12.06 -15.05
N SER A 115 -4.23 12.31 -15.34
CA SER A 115 -3.81 12.92 -16.60
C SER A 115 -2.35 12.53 -16.82
N PRO A 116 -1.88 12.60 -18.07
CA PRO A 116 -0.50 12.19 -18.34
C PRO A 116 0.58 12.99 -17.63
N VAL A 117 0.24 14.13 -17.02
CA VAL A 117 1.22 14.88 -16.24
C VAL A 117 1.33 14.40 -14.79
N GLN A 118 0.50 13.44 -14.41
CA GLN A 118 0.63 12.79 -13.11
C GLN A 118 1.71 11.72 -13.21
N SER A 119 2.09 11.12 -12.09
CA SER A 119 3.15 10.10 -12.12
C SER A 119 2.84 8.96 -11.15
N VAL A 120 3.57 7.86 -11.27
CA VAL A 120 3.43 6.76 -10.34
C VAL A 120 3.80 7.19 -8.93
N GLU A 121 4.86 7.98 -8.81
CA GLU A 121 5.25 8.46 -7.49
C GLU A 121 4.11 9.27 -6.88
N LYS A 122 3.51 10.12 -7.69
CA LYS A 122 2.39 10.93 -7.23
C LYS A 122 1.20 10.07 -6.82
N ILE A 123 0.95 8.99 -7.56
CA ILE A 123 -0.12 8.07 -7.20
C ILE A 123 0.16 7.44 -5.84
N LEU A 124 1.38 6.97 -5.65
CA LEU A 124 1.75 6.28 -4.42
C LEU A 124 1.74 7.24 -3.22
N LEU A 125 2.17 8.48 -3.46
CA LEU A 125 2.07 9.50 -2.42
C LEU A 125 0.61 9.82 -2.07
N SER A 126 -0.27 9.79 -3.08
CA SER A 126 -1.68 10.05 -2.84
C SER A 126 -2.30 8.95 -2.00
N VAL A 127 -1.89 7.71 -2.25
CA VAL A 127 -2.38 6.57 -1.48
C VAL A 127 -1.99 6.69 -0.01
N MET A 128 -0.75 7.10 0.24
CA MET A 128 -0.31 7.33 1.62
C MET A 128 -1.15 8.41 2.29
N SER A 129 -1.40 9.51 1.59
CA SER A 129 -2.22 10.59 2.13
C SER A 129 -3.64 10.09 2.42
N MET A 130 -4.14 9.24 1.54
CA MET A 130 -5.47 8.66 1.70
C MET A 130 -5.54 7.86 3.00
N LEU A 131 -4.51 7.06 3.24
CA LEU A 131 -4.48 6.25 4.45
C LEU A 131 -4.53 7.13 5.70
N SER A 132 -3.90 8.29 5.62
CA SER A 132 -3.87 9.24 6.75
C SER A 132 -5.16 10.05 6.87
N GLU A 133 -5.81 10.33 5.74
CA GLU A 133 -6.96 11.22 5.73
C GLU A 133 -8.07 10.69 4.83
N PRO A 134 -8.89 9.77 5.37
CA PRO A 134 -10.00 9.22 4.59
C PRO A 134 -11.01 10.30 4.21
N ASN A 135 -11.64 10.16 3.05
CA ASN A 135 -12.70 11.07 2.62
C ASN A 135 -14.00 10.29 2.47
N ILE A 136 -14.80 10.25 3.53
CA ILE A 136 -15.99 9.40 3.52
C ILE A 136 -17.06 9.90 2.54
N GLU A 137 -17.05 11.19 2.25
CA GLU A 137 -18.03 11.78 1.32
C GLU A 137 -17.91 11.25 -0.11
N SER A 138 -16.76 10.67 -0.45
CA SER A 138 -16.60 10.01 -1.74
C SER A 138 -16.13 8.57 -1.55
N GLY A 139 -16.52 7.97 -0.43
CA GLY A 139 -16.07 6.63 -0.08
C GLY A 139 -16.63 5.54 -0.97
N ALA A 140 -15.84 4.49 -1.16
CA ALA A 140 -16.24 3.34 -1.97
C ALA A 140 -16.67 2.14 -1.12
N ASN A 141 -16.37 2.17 0.17
CA ASN A 141 -16.76 1.10 1.08
C ASN A 141 -17.65 1.71 2.15
N ILE A 142 -18.96 1.67 1.95
N ILE A 142 -18.96 1.65 1.93
CA ILE A 142 -19.84 2.39 2.86
CA ILE A 142 -19.92 2.30 2.81
C ILE A 142 -19.80 1.84 4.29
C ILE A 142 -19.78 1.85 4.26
N ASP A 143 -19.57 0.54 4.45
CA ASP A 143 -19.43 -0.02 5.79
C ASP A 143 -18.24 0.58 6.50
N ALA A 144 -17.15 0.76 5.76
CA ALA A 144 -15.94 1.39 6.29
C ALA A 144 -16.19 2.86 6.61
N CYS A 145 -16.94 3.54 5.75
CA CYS A 145 -17.30 4.94 5.96
C CYS A 145 -18.08 5.14 7.24
N ILE A 146 -19.13 4.33 7.42
CA ILE A 146 -19.98 4.45 8.61
C ILE A 146 -19.20 4.17 9.87
N LEU A 147 -18.39 3.10 9.85
CA LEU A 147 -17.57 2.76 11.01
C LEU A 147 -16.58 3.87 11.36
N TRP A 148 -15.94 4.44 10.35
CA TRP A 148 -14.99 5.53 10.58
C TRP A 148 -15.68 6.72 11.22
N ARG A 149 -16.85 7.07 10.71
CA ARG A 149 -17.59 8.22 11.20
C ARG A 149 -18.14 8.00 12.61
N ASP A 150 -18.76 6.84 12.82
CA ASP A 150 -19.56 6.60 14.02
C ASP A 150 -18.85 5.83 15.11
N ASN A 151 -17.96 4.91 14.72
CA ASN A 151 -17.37 4.00 15.69
C ASN A 151 -15.88 3.81 15.41
N ARG A 152 -15.12 4.89 15.58
N ARG A 152 -15.12 4.89 15.60
CA ARG A 152 -13.68 4.86 15.35
CA ARG A 152 -13.67 4.87 15.35
C ARG A 152 -12.95 3.79 16.17
C ARG A 152 -12.92 3.83 16.19
N PRO A 153 -13.34 3.62 17.44
CA PRO A 153 -12.70 2.56 18.23
C PRO A 153 -12.84 1.19 17.58
N GLU A 154 -14.03 0.85 17.08
CA GLU A 154 -14.21 -0.44 16.43
C GLU A 154 -13.49 -0.49 15.09
N PHE A 155 -13.48 0.63 14.37
CA PHE A 155 -12.74 0.72 13.11
C PHE A 155 -11.30 0.34 13.39
N GLU A 156 -10.73 0.95 14.43
CA GLU A 156 -9.31 0.76 14.72
C GLU A 156 -9.02 -0.66 15.20
N ARG A 157 -9.95 -1.22 15.98
CA ARG A 157 -9.79 -2.59 16.43
C ARG A 157 -9.73 -3.57 15.27
N GLN A 158 -10.61 -3.38 14.28
CA GLN A 158 -10.62 -4.26 13.13
C GLN A 158 -9.34 -4.11 12.30
N VAL A 159 -8.92 -2.88 12.05
CA VAL A 159 -7.69 -2.65 11.29
C VAL A 159 -6.47 -3.26 11.99
N LYS A 160 -6.39 -3.04 13.30
CA LYS A 160 -5.23 -3.51 14.05
C LYS A 160 -5.19 -5.01 14.19
N LEU A 161 -6.35 -5.65 14.33
CA LEU A 161 -6.38 -7.10 14.37
C LEU A 161 -5.89 -7.66 13.05
N SER A 162 -6.34 -7.07 11.96
CA SER A 162 -5.89 -7.51 10.64
C SER A 162 -4.38 -7.35 10.47
N ILE A 163 -3.83 -6.26 11.00
CA ILE A 163 -2.38 -6.08 10.98
C ILE A 163 -1.67 -7.18 11.78
N LEU A 164 -2.14 -7.42 13.00
CA LEU A 164 -1.55 -8.48 13.82
C LEU A 164 -1.56 -9.81 13.07
N LYS A 165 -2.69 -10.15 12.48
CA LYS A 165 -2.79 -11.42 11.74
C LYS A 165 -1.86 -11.46 10.53
N SER A 166 -1.72 -10.34 9.84
CA SER A 166 -0.87 -10.27 8.65
C SER A 166 0.60 -10.49 8.97
N LEU A 167 0.99 -10.21 10.22
CA LEU A 167 2.38 -10.34 10.61
C LEU A 167 2.63 -11.59 11.46
N GLY A 168 1.65 -12.48 11.49
CA GLY A 168 1.84 -13.80 12.05
C GLY A 168 1.57 -13.93 13.54
N PHE A 169 0.81 -12.99 14.10
CA PHE A 169 0.48 -13.03 15.52
C PHE A 169 -0.84 -13.75 15.76
N MET B 1 -0.51 -14.39 4.71
CA MET B 1 0.34 -13.92 5.80
C MET B 1 1.65 -13.37 5.20
N LEU B 2 2.04 -12.18 5.62
CA LEU B 2 3.15 -11.47 4.96
C LEU B 2 4.48 -12.20 5.04
N LEU B 3 4.75 -12.85 6.17
CA LEU B 3 6.02 -13.55 6.31
C LEU B 3 6.10 -14.74 5.36
N ASP B 4 4.98 -15.41 5.17
CA ASP B 4 4.92 -16.53 4.22
C ASP B 4 5.04 -16.00 2.80
N LYS B 5 4.31 -14.92 2.51
CA LYS B 5 4.28 -14.38 1.15
C LYS B 5 5.66 -13.86 0.71
N PHE B 6 6.37 -13.20 1.62
CA PHE B 6 7.67 -12.61 1.26
C PHE B 6 8.87 -13.42 1.71
N HIS B 7 8.62 -14.65 2.15
CA HIS B 7 9.69 -15.58 2.53
C HIS B 7 10.60 -14.96 3.58
N VAL B 8 10.00 -14.48 4.66
CA VAL B 8 10.73 -14.03 5.82
C VAL B 8 10.57 -15.10 6.87
N ASP B 9 11.68 -15.69 7.33
CA ASP B 9 11.57 -16.75 8.32
C ASP B 9 11.17 -16.19 9.68
N LEU B 10 10.43 -16.98 10.46
CA LEU B 10 9.97 -16.53 11.77
C LEU B 10 11.16 -16.07 12.62
N ASN B 11 12.28 -16.75 12.46
CA ASN B 11 13.46 -16.56 13.32
C ASN B 11 14.60 -15.79 12.66
N GLU B 12 14.33 -15.23 11.49
N GLU B 12 14.34 -15.25 11.47
CA GLU B 12 15.30 -14.47 10.71
CA GLU B 12 15.36 -14.52 10.73
C GLU B 12 15.84 -13.27 11.50
C GLU B 12 15.85 -13.29 11.49
N ASP B 13 17.10 -12.92 11.25
CA ASP B 13 17.68 -11.75 11.85
C ASP B 13 18.18 -10.80 10.77
N MET B 14 17.63 -9.59 10.72
CA MET B 14 18.05 -8.58 9.73
C MET B 14 18.41 -7.28 10.43
N SER B 15 18.83 -7.39 11.69
CA SER B 15 19.06 -6.23 12.54
CA SER B 15 19.06 -6.23 12.54
C SER B 15 20.16 -5.28 12.05
N ASN B 16 21.06 -5.79 11.22
CA ASN B 16 22.18 -4.98 10.75
C ASN B 16 21.96 -4.26 9.42
N LEU B 17 20.81 -4.46 8.81
CA LEU B 17 20.61 -4.01 7.43
C LEU B 17 19.95 -2.64 7.34
N SER B 18 20.36 -1.88 6.33
CA SER B 18 19.75 -0.59 6.00
C SER B 18 19.15 -0.68 4.61
N PHE B 19 18.02 0.00 4.40
CA PHE B 19 17.32 -0.06 3.12
C PHE B 19 18.17 0.38 1.94
N LYS B 20 19.01 1.39 2.17
CA LYS B 20 19.84 1.95 1.10
C LYS B 20 20.74 0.90 0.43
N ASP B 21 21.10 -0.14 1.18
CA ASP B 21 22.05 -1.13 0.68
C ASP B 21 21.39 -2.30 -0.05
N LEU B 22 20.07 -2.33 -0.04
CA LEU B 22 19.33 -3.50 -0.54
C LEU B 22 18.63 -3.24 -1.86
N ASP B 23 18.50 -4.28 -2.67
CA ASP B 23 17.68 -4.19 -3.89
C ASP B 23 16.20 -4.24 -3.49
N ILE B 24 15.31 -4.00 -4.45
CA ILE B 24 13.88 -3.87 -4.18
C ILE B 24 13.26 -5.07 -3.47
N GLU B 25 13.62 -6.27 -3.90
CA GLU B 25 13.03 -7.47 -3.31
C GLU B 25 13.46 -7.62 -1.87
N GLU B 26 14.73 -7.34 -1.58
CA GLU B 26 15.23 -7.43 -0.20
C GLU B 26 14.72 -6.29 0.66
N ARG B 27 14.45 -5.13 0.05
CA ARG B 27 13.81 -4.04 0.79
C ARG B 27 12.43 -4.46 1.30
N LYS B 28 11.68 -5.20 0.49
CA LYS B 28 10.35 -5.65 0.93
C LYS B 28 10.48 -6.62 2.10
N ARG B 29 11.42 -7.55 2.00
CA ARG B 29 11.64 -8.48 3.10
C ARG B 29 12.03 -7.74 4.37
N LEU B 30 12.89 -6.74 4.26
CA LEU B 30 13.30 -5.96 5.44
C LEU B 30 12.11 -5.20 6.05
N LEU B 31 11.27 -4.63 5.21
CA LEU B 31 10.11 -3.88 5.69
C LEU B 31 9.18 -4.79 6.49
N VAL B 32 8.96 -6.00 6.00
CA VAL B 32 8.10 -6.96 6.69
C VAL B 32 8.74 -7.39 8.02
N TRP B 33 10.03 -7.70 7.97
CA TRP B 33 10.75 -8.12 9.17
C TRP B 33 10.73 -7.04 10.25
N GLN B 34 11.03 -5.80 9.87
CA GLN B 34 10.99 -4.70 10.82
C GLN B 34 9.59 -4.49 11.40
N ALA B 35 8.55 -4.59 10.57
CA ALA B 35 7.18 -4.46 11.06
C ALA B 35 6.85 -5.52 12.12
N ARG B 36 7.24 -6.76 11.85
CA ARG B 36 7.00 -7.86 12.77
C ARG B 36 7.74 -7.65 14.09
N LYS B 37 9.02 -7.33 14.01
CA LYS B 37 9.82 -7.07 15.21
C LYS B 37 9.28 -5.90 16.04
N ASN B 38 8.85 -4.84 15.37
N ASN B 38 8.88 -4.83 15.37
CA ASN B 38 8.31 -3.67 16.05
CA ASN B 38 8.29 -3.69 16.05
C ASN B 38 7.00 -3.97 16.79
C ASN B 38 7.07 -4.12 16.86
N LEU B 39 6.17 -4.84 16.21
CA LEU B 39 4.92 -5.26 16.83
C LEU B 39 5.15 -6.22 17.99
N GLU B 40 6.13 -7.10 17.86
CA GLU B 40 6.47 -8.05 18.93
C GLU B 40 6.78 -7.29 20.20
N THR B 41 7.62 -6.26 20.07
CA THR B 41 7.98 -5.40 21.19
C THR B 41 6.78 -4.67 21.79
N LYS B 42 5.95 -4.11 20.91
CA LYS B 42 4.79 -3.35 21.34
C LYS B 42 3.81 -4.27 22.07
N LEU B 43 3.60 -5.45 21.51
CA LEU B 43 2.66 -6.42 22.05
C LEU B 43 2.98 -6.82 23.48
N GLN B 44 4.25 -6.81 23.85
CA GLN B 44 4.64 -7.25 25.18
C GLN B 44 4.35 -6.19 26.26
N SER B 45 4.00 -4.98 25.83
CA SER B 45 3.71 -3.90 26.78
C SER B 45 2.30 -3.34 26.63
N ASP B 46 1.62 -3.66 25.53
CA ASP B 46 0.32 -3.07 25.24
C ASP B 46 -0.84 -4.03 25.45
N LYS B 47 -1.51 -3.91 26.60
CA LYS B 47 -2.59 -4.84 26.92
C LYS B 47 -3.77 -4.76 25.95
N ASP B 48 -4.04 -3.56 25.44
CA ASP B 48 -5.14 -3.39 24.49
C ASP B 48 -4.88 -4.16 23.20
N LEU B 49 -3.61 -4.17 22.78
CA LEU B 49 -3.20 -4.94 21.62
C LEU B 49 -3.35 -6.45 21.89
N GLN B 50 -2.91 -6.87 23.06
CA GLN B 50 -3.01 -8.28 23.45
C GLN B 50 -4.47 -8.75 23.45
N SER B 51 -5.36 -7.87 23.89
CA SER B 51 -6.78 -8.19 23.98
C SER B 51 -7.37 -8.59 22.63
N LEU B 52 -6.81 -8.05 21.56
N LEU B 52 -6.82 -8.03 21.56
CA LEU B 52 -7.33 -8.30 20.22
CA LEU B 52 -7.31 -8.29 20.22
C LEU B 52 -7.11 -9.73 19.79
C LEU B 52 -7.13 -9.74 19.82
N LEU B 53 -6.11 -10.38 20.38
CA LEU B 53 -5.81 -11.76 20.07
C LEU B 53 -6.46 -12.65 21.12
N THR B 54 -6.79 -12.03 22.25
CA THR B 54 -7.33 -12.70 23.43
C THR B 54 -6.24 -13.41 24.22
#